data_5FSJ
#
_entry.id   5FSJ
#
_cell.length_a   92.922
_cell.length_b   92.922
_cell.length_c   130.252
_cell.angle_alpha   90.00
_cell.angle_beta   90.00
_cell.angle_gamma   120.00
#
_symmetry.space_group_name_H-M   'P 61 2 2'
#
loop_
_entity.id
_entity.type
_entity.pdbx_description
1 polymer THERMOLYSIN
2 non-polymer VALINE
3 non-polymer LYSINE
4 non-polymer 'CALCIUM ION'
5 non-polymer 'ZINC ION'
6 non-polymer 'OXYGEN MOLECULE'
7 water water
#
_entity_poly.entity_id   1
_entity_poly.type   'polypeptide(L)'
_entity_poly.pdbx_seq_one_letter_code
;ITGTSTVGVGRGVLGDQKNINTTYSTYYYLQDNTRGNGIFTYDAKYRTTLPGSLWADADNQFFASYDAPAVDAHYYAGVT
YDYYKNVHNRLSYDGNNAAIRSSVHYSQGYNNAFWNGSQMVYGDGDGQTFIPLSGGIDVVAHELTHAVTDYTAGLIYQNE
SGAINEAISDIFGTLVEFYANKNPDWEIGEDVYTPGISGDSLRSMSDPAKYGDPDHYSKRYTGTQDNGGVHINSGIINKA
AYLISQGGTHYGVSVVGIGRDKLGKIFYRALTQYLTPTSNFSQLRAAAVQSATDLYGSTSQEVASVKQAFDAVGVK
;
_entity_poly.pdbx_strand_id   A
#
loop_
_chem_comp.id
_chem_comp.type
_chem_comp.name
_chem_comp.formula
CA non-polymer 'CALCIUM ION' 'Ca 2'
OXY non-polymer 'OXYGEN MOLECULE' O2
ZN non-polymer 'ZINC ION' 'Zn 2'
#
# COMPACT_ATOMS: atom_id res chain seq x y z
N ILE A 1 -16.68 19.55 1.95
N ILE A 1 -16.70 19.58 1.90
CA ILE A 1 -17.74 20.58 1.73
CA ILE A 1 -17.76 20.59 1.64
C ILE A 1 -19.11 19.99 2.03
C ILE A 1 -19.12 20.00 1.98
N THR A 2 -20.07 20.86 2.33
CA THR A 2 -21.43 20.42 2.59
C THR A 2 -22.16 20.29 1.26
N GLY A 3 -22.82 19.16 1.08
CA GLY A 3 -23.55 18.92 -0.15
C GLY A 3 -24.27 17.60 -0.06
N THR A 4 -24.74 17.11 -1.19
N THR A 4 -24.70 17.10 -1.21
CA THR A 4 -25.45 15.83 -1.22
CA THR A 4 -25.46 15.86 -1.30
C THR A 4 -24.62 14.80 -1.96
C THR A 4 -24.61 14.80 -1.98
N SER A 5 -24.66 13.57 -1.48
CA SER A 5 -23.87 12.50 -2.06
C SER A 5 -24.40 12.10 -3.41
N THR A 6 -23.49 11.95 -4.36
CA THR A 6 -23.78 11.68 -5.75
C THR A 6 -22.85 10.56 -6.24
N VAL A 7 -23.13 10.06 -7.43
CA VAL A 7 -22.32 9.01 -8.03
C VAL A 7 -21.95 9.47 -9.42
N GLY A 8 -20.66 9.73 -9.61
CA GLY A 8 -20.13 10.08 -10.91
C GLY A 8 -19.54 8.85 -11.59
N VAL A 9 -19.12 9.06 -12.83
CA VAL A 9 -18.54 8.00 -13.63
CA VAL A 9 -18.56 8.00 -13.66
C VAL A 9 -17.33 8.57 -14.35
N GLY A 10 -16.28 7.74 -14.47
CA GLY A 10 -15.09 8.22 -15.13
C GLY A 10 -14.20 7.07 -15.58
N ARG A 11 -13.03 7.42 -16.08
CA ARG A 11 -12.07 6.46 -16.60
CA ARG A 11 -12.06 6.47 -16.59
C ARG A 11 -10.75 6.69 -15.88
N GLY A 12 -10.13 5.60 -15.42
CA GLY A 12 -8.88 5.67 -14.71
C GLY A 12 -7.69 5.67 -15.64
N VAL A 13 -6.51 5.61 -15.02
CA VAL A 13 -5.25 5.74 -15.72
C VAL A 13 -5.06 4.65 -16.75
N LEU A 14 -5.55 3.44 -16.47
CA LEU A 14 -5.41 2.31 -17.38
C LEU A 14 -6.57 2.20 -18.38
N GLY A 15 -7.48 3.18 -18.41
CA GLY A 15 -8.51 3.22 -19.43
C GLY A 15 -9.81 2.55 -19.03
N ASP A 16 -9.90 2.11 -17.80
CA ASP A 16 -11.04 1.40 -17.26
C ASP A 16 -12.11 2.35 -16.72
N GLN A 17 -13.39 2.05 -17.02
CA GLN A 17 -14.49 2.87 -16.50
C GLN A 17 -14.86 2.41 -15.10
N LYS A 18 -15.17 3.36 -14.23
CA LYS A 18 -15.62 3.04 -12.87
C LYS A 18 -16.48 4.17 -12.33
N ASN A 19 -17.37 3.81 -11.40
CA ASN A 19 -18.16 4.79 -10.69
C ASN A 19 -17.38 5.31 -9.50
N ILE A 20 -17.59 6.60 -9.19
CA ILE A 20 -16.94 7.22 -8.05
CA ILE A 20 -16.92 7.25 -8.06
C ILE A 20 -17.95 8.00 -7.24
N ASN A 21 -17.79 7.96 -5.93
CA ASN A 21 -18.64 8.69 -5.01
C ASN A 21 -18.22 10.14 -4.95
N THR A 22 -19.15 11.04 -5.25
CA THR A 22 -18.89 12.46 -5.31
C THR A 22 -19.87 13.20 -4.39
N THR A 23 -19.70 14.52 -4.30
CA THR A 23 -20.58 15.38 -3.53
C THR A 23 -20.96 16.57 -4.40
N TYR A 24 -22.25 16.88 -4.45
CA TYR A 24 -22.74 17.97 -5.27
C TYR A 24 -23.07 19.18 -4.40
N SER A 25 -22.45 20.32 -4.75
CA SER A 25 -22.80 21.63 -4.23
C SER A 25 -22.23 22.61 -5.25
N THR A 26 -23.08 23.03 -6.20
CA THR A 26 -22.71 23.83 -7.37
C THR A 26 -21.88 23.03 -8.38
N TYR A 27 -20.72 22.55 -7.93
CA TYR A 27 -19.89 21.59 -8.65
C TYR A 27 -20.05 20.21 -8.04
N TYR A 28 -19.56 19.20 -8.76
CA TYR A 28 -19.40 17.85 -8.24
C TYR A 28 -17.95 17.69 -7.80
N TYR A 29 -17.76 17.36 -6.53
CA TYR A 29 -16.45 17.26 -5.92
C TYR A 29 -16.09 15.80 -5.68
N LEU A 30 -14.79 15.50 -5.78
CA LEU A 30 -14.28 14.18 -5.41
C LEU A 30 -14.21 14.10 -3.89
N GLN A 31 -15.39 13.87 -3.33
CA GLN A 31 -15.61 13.76 -1.89
C GLN A 31 -16.60 12.63 -1.73
N ASP A 32 -16.12 11.51 -1.19
CA ASP A 32 -16.89 10.30 -0.98
C ASP A 32 -17.35 10.29 0.48
N ASN A 33 -18.64 10.49 0.69
CA ASN A 33 -19.20 10.52 2.05
C ASN A 33 -19.60 9.15 2.55
N THR A 34 -19.42 8.11 1.75
CA THR A 34 -19.93 6.78 2.10
C THR A 34 -18.97 6.01 3.01
N ARG A 35 -17.76 6.52 3.21
CA ARG A 35 -16.72 5.81 3.94
C ARG A 35 -16.19 6.71 5.04
N GLY A 36 -16.47 6.34 6.28
CA GLY A 36 -15.94 7.07 7.43
C GLY A 36 -16.30 8.54 7.37
N ASN A 37 -15.33 9.37 7.74
CA ASN A 37 -15.48 10.81 7.68
C ASN A 37 -15.13 11.37 6.31
N GLY A 38 -15.02 10.52 5.31
CA GLY A 38 -14.91 10.96 3.94
C GLY A 38 -13.56 10.61 3.33
N ILE A 39 -13.57 10.48 2.01
CA ILE A 39 -12.39 10.39 1.17
C ILE A 39 -12.41 11.60 0.26
N PHE A 40 -11.33 12.36 0.26
CA PHE A 40 -11.24 13.65 -0.41
C PHE A 40 -10.04 13.63 -1.34
N THR A 41 -10.23 13.99 -2.61
CA THR A 41 -9.16 13.98 -3.60
C THR A 41 -9.00 15.39 -4.15
N TYR A 42 -7.74 15.83 -4.23
CA TYR A 42 -7.36 17.20 -4.52
C TYR A 42 -6.49 17.26 -5.77
N ASP A 43 -6.53 18.42 -6.44
CA ASP A 43 -5.69 18.75 -7.58
C ASP A 43 -4.53 19.62 -7.11
N ALA A 44 -3.29 19.11 -7.23
CA ALA A 44 -2.10 19.91 -6.94
C ALA A 44 -1.64 20.74 -8.13
N LYS A 45 -2.24 20.55 -9.32
N LYS A 45 -2.23 20.55 -9.32
CA LYS A 45 -2.09 21.48 -10.45
CA LYS A 45 -2.08 21.47 -10.45
C LYS A 45 -0.64 21.63 -10.90
C LYS A 45 -0.63 21.63 -10.89
N TYR A 46 0.14 20.55 -10.79
CA TYR A 46 1.54 20.48 -11.20
C TYR A 46 2.46 21.24 -10.28
N ARG A 47 1.99 21.69 -9.14
CA ARG A 47 2.80 22.37 -8.16
C ARG A 47 3.03 21.46 -6.96
N THR A 48 3.74 21.99 -5.97
CA THR A 48 4.12 21.22 -4.79
C THR A 48 3.49 21.73 -3.50
N THR A 49 2.61 22.72 -3.60
CA THR A 49 1.82 23.15 -2.46
C THR A 49 0.73 22.13 -2.21
N LEU A 50 0.56 21.72 -0.95
CA LEU A 50 -0.39 20.68 -0.60
C LEU A 50 -1.40 21.18 0.40
N PRO A 51 -2.65 20.70 0.31
CA PRO A 51 -3.10 19.64 -0.60
C PRO A 51 -3.45 20.12 -2.02
N GLY A 52 -3.57 21.43 -2.22
CA GLY A 52 -4.14 21.93 -3.45
C GLY A 52 -5.63 22.13 -3.30
N SER A 53 -6.40 22.03 -4.37
CA SER A 53 -7.83 22.35 -4.38
CA SER A 53 -7.82 22.34 -4.31
C SER A 53 -8.66 21.08 -4.42
N LEU A 54 -9.69 21.00 -3.60
CA LEU A 54 -10.59 19.84 -3.66
C LEU A 54 -11.12 19.72 -5.08
N TRP A 55 -11.04 18.52 -5.65
CA TRP A 55 -11.28 18.35 -7.07
C TRP A 55 -12.73 18.66 -7.42
N ALA A 56 -12.94 19.63 -8.30
CA ALA A 56 -14.26 20.10 -8.72
C ALA A 56 -14.46 19.80 -10.20
N ASP A 57 -15.66 19.35 -10.54
CA ASP A 57 -16.03 18.99 -11.89
C ASP A 57 -17.46 19.45 -12.18
N ALA A 58 -17.67 20.02 -13.36
CA ALA A 58 -18.96 20.64 -13.66
C ALA A 58 -20.09 19.63 -13.85
N ASP A 59 -19.81 18.42 -14.37
CA ASP A 59 -20.88 17.53 -14.82
C ASP A 59 -20.88 16.14 -14.22
N ASN A 60 -19.99 15.82 -13.29
CA ASN A 60 -19.94 14.50 -12.64
C ASN A 60 -19.47 13.38 -13.58
N GLN A 61 -18.88 13.75 -14.72
CA GLN A 61 -18.29 12.81 -15.66
C GLN A 61 -16.80 13.08 -15.72
N PHE A 62 -15.99 12.04 -15.55
CA PHE A 62 -14.55 12.20 -15.36
C PHE A 62 -13.79 11.37 -16.39
N PHE A 63 -13.96 11.72 -17.66
CA PHE A 63 -13.37 10.99 -18.79
C PHE A 63 -12.22 11.74 -19.46
N ALA A 64 -11.84 12.92 -18.97
CA ALA A 64 -10.73 13.63 -19.56
C ALA A 64 -9.42 13.01 -19.11
N SER A 65 -8.40 13.12 -19.95
CA SER A 65 -7.10 12.58 -19.56
CA SER A 65 -7.09 12.60 -19.57
CA SER A 65 -7.08 12.61 -19.57
C SER A 65 -6.63 13.19 -18.24
N TYR A 66 -6.86 14.49 -18.02
CA TYR A 66 -6.42 15.15 -16.79
C TYR A 66 -7.13 14.56 -15.57
N ASP A 67 -8.33 13.99 -15.77
CA ASP A 67 -9.11 13.45 -14.67
C ASP A 67 -8.64 12.09 -14.21
N ALA A 68 -7.96 11.32 -15.08
CA ALA A 68 -7.73 9.90 -14.80
C ALA A 68 -6.96 9.66 -13.51
N PRO A 69 -5.88 10.40 -13.19
CA PRO A 69 -5.19 10.11 -11.93
C PRO A 69 -6.07 10.38 -10.72
N ALA A 70 -6.96 11.37 -10.81
CA ALA A 70 -7.85 11.68 -9.69
C ALA A 70 -8.89 10.58 -9.49
N VAL A 71 -9.46 10.09 -10.59
CA VAL A 71 -10.41 8.98 -10.53
C VAL A 71 -9.80 7.83 -9.76
N ASP A 72 -8.58 7.44 -10.13
CA ASP A 72 -7.98 6.26 -9.53
C ASP A 72 -7.53 6.50 -8.09
N ALA A 73 -6.95 7.68 -7.79
CA ALA A 73 -6.60 7.95 -6.40
C ALA A 73 -7.83 7.81 -5.51
N HIS A 74 -8.94 8.38 -5.97
CA HIS A 74 -10.18 8.41 -5.19
C HIS A 74 -10.75 7.01 -5.05
N TYR A 75 -10.87 6.30 -6.17
CA TYR A 75 -11.47 4.98 -6.17
C TYR A 75 -10.63 3.97 -5.39
N TYR A 76 -9.32 3.96 -5.60
CA TYR A 76 -8.48 2.99 -4.92
C TYR A 76 -8.32 3.31 -3.43
N ALA A 77 -8.42 4.58 -3.04
CA ALA A 77 -8.51 4.86 -1.61
C ALA A 77 -9.75 4.21 -1.03
N GLY A 78 -10.86 4.24 -1.76
CA GLY A 78 -12.06 3.56 -1.31
C GLY A 78 -11.89 2.06 -1.17
N VAL A 79 -11.24 1.42 -2.16
CA VAL A 79 -11.00 -0.01 -2.06
C VAL A 79 -10.15 -0.31 -0.83
N THR A 80 -9.12 0.50 -0.60
CA THR A 80 -8.22 0.25 0.52
C THR A 80 -8.94 0.42 1.86
N TYR A 81 -9.78 1.46 1.99
CA TYR A 81 -10.62 1.62 3.16
C TYR A 81 -11.48 0.38 3.36
N ASP A 82 -12.09 -0.12 2.29
CA ASP A 82 -12.95 -1.28 2.39
C ASP A 82 -12.19 -2.50 2.86
N TYR A 83 -10.98 -2.71 2.33
CA TYR A 83 -10.16 -3.83 2.77
C TYR A 83 -9.92 -3.76 4.28
N TYR A 84 -9.46 -2.61 4.78
CA TYR A 84 -9.14 -2.54 6.20
C TYR A 84 -10.38 -2.71 7.06
N LYS A 85 -11.51 -2.13 6.64
CA LYS A 85 -12.74 -2.25 7.41
C LYS A 85 -13.28 -3.67 7.37
N ASN A 86 -13.42 -4.24 6.17
CA ASN A 86 -14.08 -5.52 6.01
C ASN A 86 -13.21 -6.68 6.49
N VAL A 87 -11.91 -6.62 6.25
CA VAL A 87 -11.02 -7.73 6.57
C VAL A 87 -10.44 -7.62 7.98
N HIS A 88 -10.13 -6.40 8.43
CA HIS A 88 -9.46 -6.22 9.72
C HIS A 88 -10.27 -5.46 10.74
N ASN A 89 -11.51 -5.07 10.42
CA ASN A 89 -12.35 -4.31 11.33
CA ASN A 89 -12.35 -4.31 11.33
C ASN A 89 -11.67 -3.01 11.78
N ARG A 90 -10.92 -2.40 10.87
CA ARG A 90 -10.25 -1.14 11.13
C ARG A 90 -10.93 -0.04 10.35
N LEU A 91 -11.32 1.03 11.05
CA LEU A 91 -12.01 2.16 10.46
C LEU A 91 -11.01 3.26 10.13
N SER A 92 -10.62 3.31 8.86
CA SER A 92 -9.61 4.21 8.33
CA SER A 92 -9.61 4.21 8.34
C SER A 92 -8.24 3.98 8.96
N TYR A 93 -7.28 4.83 8.62
CA TYR A 93 -5.92 4.57 9.03
C TYR A 93 -5.71 4.77 10.52
N ASP A 94 -6.48 5.63 11.17
CA ASP A 94 -6.33 5.86 12.60
C ASP A 94 -7.27 5.01 13.45
N GLY A 95 -8.08 4.16 12.83
CA GLY A 95 -9.03 3.36 13.58
C GLY A 95 -10.25 4.11 14.04
N ASN A 96 -10.35 5.41 13.73
CA ASN A 96 -11.48 6.22 14.15
CA ASN A 96 -11.44 6.26 14.16
C ASN A 96 -12.03 7.03 12.99
N ASN A 97 -11.95 6.46 11.79
CA ASN A 97 -12.60 7.02 10.61
C ASN A 97 -12.06 8.38 10.20
N ALA A 98 -10.77 8.61 10.39
CA ALA A 98 -10.14 9.83 9.89
C ALA A 98 -10.40 10.00 8.40
N ALA A 99 -10.61 11.25 8.01
CA ALA A 99 -10.73 11.57 6.60
C ALA A 99 -9.45 11.18 5.86
N ILE A 100 -9.62 10.62 4.67
CA ILE A 100 -8.51 10.20 3.83
C ILE A 100 -8.37 11.23 2.71
N ARG A 101 -7.19 11.86 2.63
CA ARG A 101 -6.95 12.91 1.65
C ARG A 101 -5.81 12.51 0.73
N SER A 102 -6.00 12.76 -0.56
CA SER A 102 -5.01 12.49 -1.59
C SER A 102 -4.90 13.67 -2.53
N SER A 103 -3.69 13.97 -2.99
CA SER A 103 -3.48 14.95 -4.04
C SER A 103 -2.82 14.29 -5.23
N VAL A 104 -3.31 14.64 -6.43
CA VAL A 104 -2.74 14.17 -7.69
C VAL A 104 -2.21 15.36 -8.49
N HIS A 105 -1.52 15.05 -9.59
CA HIS A 105 -0.80 16.05 -10.37
C HIS A 105 0.19 16.83 -9.50
N TYR A 106 0.89 16.12 -8.63
CA TYR A 106 1.94 16.74 -7.82
C TYR A 106 3.19 16.97 -8.66
N SER A 107 3.63 18.23 -8.71
CA SER A 107 4.84 18.63 -9.42
C SER A 107 4.73 18.31 -10.90
N GLN A 108 5.88 18.32 -11.59
CA GLN A 108 5.95 18.05 -13.02
C GLN A 108 6.85 16.86 -13.24
N GLY A 109 6.33 15.85 -13.97
CA GLY A 109 7.11 14.67 -14.28
C GLY A 109 7.60 13.91 -13.07
N TYR A 110 6.83 13.91 -11.98
CA TYR A 110 7.31 13.41 -10.70
C TYR A 110 7.13 11.89 -10.63
N ASN A 111 8.24 11.19 -10.55
CA ASN A 111 8.26 9.73 -10.65
C ASN A 111 8.16 9.08 -9.27
N ASN A 112 7.17 9.47 -8.48
CA ASN A 112 7.02 8.87 -7.16
C ASN A 112 5.64 9.22 -6.60
N ALA A 113 5.37 8.64 -5.45
CA ALA A 113 4.18 8.89 -4.65
C ALA A 113 4.61 8.74 -3.20
N PHE A 114 3.83 9.29 -2.27
CA PHE A 114 4.23 9.22 -0.87
C PHE A 114 3.08 9.57 0.05
N TRP A 115 3.25 9.16 1.30
CA TRP A 115 2.47 9.65 2.43
C TRP A 115 3.34 10.68 3.15
N ASN A 116 2.81 11.89 3.38
CA ASN A 116 3.62 12.98 3.90
C ASN A 116 3.40 13.24 5.38
N GLY A 117 2.83 12.28 6.10
CA GLY A 117 2.45 12.44 7.49
C GLY A 117 0.99 12.79 7.69
N SER A 118 0.33 13.30 6.65
CA SER A 118 -1.04 13.80 6.71
C SER A 118 -1.92 13.34 5.54
N GLN A 119 -1.35 13.01 4.39
CA GLN A 119 -2.13 12.73 3.19
C GLN A 119 -1.26 11.94 2.22
N MET A 120 -1.91 11.36 1.22
CA MET A 120 -1.22 10.75 0.10
CA MET A 120 -1.23 10.75 0.09
C MET A 120 -1.01 11.77 -1.01
N VAL A 121 0.08 11.57 -1.75
CA VAL A 121 0.52 12.47 -2.81
C VAL A 121 1.01 11.63 -3.97
N TYR A 122 0.54 11.93 -5.19
CA TYR A 122 0.91 11.16 -6.38
C TYR A 122 1.44 12.06 -7.49
N GLY A 123 2.62 11.72 -7.98
CA GLY A 123 3.12 12.28 -9.21
C GLY A 123 2.41 11.72 -10.42
N ASP A 124 2.61 12.39 -11.55
CA ASP A 124 2.15 11.94 -12.85
C ASP A 124 3.15 11.04 -13.55
N GLY A 125 4.37 10.96 -13.05
CA GLY A 125 5.44 10.31 -13.79
C GLY A 125 5.90 11.15 -14.96
N ASP A 126 7.00 10.75 -15.56
CA ASP A 126 7.52 11.45 -16.73
C ASP A 126 7.08 10.80 -18.03
N GLY A 127 6.24 9.78 -17.96
CA GLY A 127 5.73 9.11 -19.14
C GLY A 127 6.63 8.01 -19.65
N GLN A 128 7.84 7.87 -19.10
CA GLN A 128 8.79 6.85 -19.48
C GLN A 128 9.12 5.93 -18.31
N THR A 129 9.54 6.48 -17.17
CA THR A 129 9.73 5.64 -15.98
C THR A 129 8.40 5.26 -15.37
N PHE A 130 7.45 6.19 -15.32
CA PHE A 130 6.13 5.94 -14.74
C PHE A 130 5.08 6.69 -15.54
N ILE A 131 3.87 6.15 -15.49
CA ILE A 131 2.64 6.88 -15.78
C ILE A 131 2.03 7.27 -14.43
N PRO A 132 0.92 8.01 -14.38
CA PRO A 132 0.47 8.54 -13.08
C PRO A 132 0.29 7.45 -12.05
N LEU A 133 0.90 7.65 -10.88
CA LEU A 133 1.16 6.53 -9.99
C LEU A 133 -0.07 6.04 -9.26
N SER A 134 -1.12 6.86 -9.16
CA SER A 134 -2.38 6.41 -8.59
C SER A 134 -3.05 5.35 -9.44
N GLY A 135 -2.57 5.10 -10.66
CA GLY A 135 -3.10 4.01 -11.47
C GLY A 135 -2.82 2.62 -10.94
N GLY A 136 -1.93 2.50 -9.95
CA GLY A 136 -1.60 1.21 -9.37
C GLY A 136 -2.28 1.03 -8.03
N ILE A 137 -3.20 0.07 -7.93
N ILE A 137 -3.21 0.07 -7.95
CA ILE A 137 -3.88 -0.14 -6.65
CA ILE A 137 -3.90 -0.19 -6.68
C ILE A 137 -2.88 -0.52 -5.56
C ILE A 137 -2.90 -0.52 -5.58
N ASP A 138 -1.85 -1.30 -5.91
CA ASP A 138 -0.85 -1.65 -4.91
C ASP A 138 -0.08 -0.43 -4.44
N VAL A 139 0.14 0.55 -5.32
CA VAL A 139 0.79 1.79 -4.95
C VAL A 139 -0.07 2.59 -3.97
N VAL A 140 -1.35 2.78 -4.31
CA VAL A 140 -2.26 3.52 -3.43
C VAL A 140 -2.31 2.85 -2.05
N ALA A 141 -2.51 1.54 -2.04
CA ALA A 141 -2.62 0.85 -0.77
C ALA A 141 -1.30 0.84 -0.01
N HIS A 142 -0.17 0.78 -0.72
CA HIS A 142 1.12 0.92 -0.07
C HIS A 142 1.21 2.26 0.67
N GLU A 143 0.85 3.35 0.01
CA GLU A 143 0.96 4.66 0.65
C GLU A 143 0.00 4.79 1.83
N LEU A 144 -1.26 4.37 1.67
CA LEU A 144 -2.20 4.47 2.78
C LEU A 144 -1.75 3.60 3.95
N THR A 145 -1.12 2.47 3.65
CA THR A 145 -0.63 1.62 4.73
C THR A 145 0.46 2.32 5.55
N HIS A 146 1.23 3.22 4.96
CA HIS A 146 2.15 4.01 5.78
C HIS A 146 1.40 4.78 6.87
N ALA A 147 0.21 5.30 6.55
CA ALA A 147 -0.59 6.00 7.56
C ALA A 147 -1.03 5.04 8.66
N VAL A 148 -1.43 3.82 8.30
CA VAL A 148 -1.76 2.81 9.30
C VAL A 148 -0.56 2.55 10.20
N THR A 149 0.61 2.32 9.61
CA THR A 149 1.80 2.10 10.40
C THR A 149 2.10 3.29 11.33
N ASP A 150 1.96 4.51 10.80
CA ASP A 150 2.32 5.64 11.66
CA ASP A 150 2.17 5.76 11.58
C ASP A 150 1.42 5.72 12.89
N TYR A 151 0.17 5.27 12.81
CA TYR A 151 -0.78 5.32 13.92
C TYR A 151 -0.70 4.09 14.80
N THR A 152 0.06 3.06 14.40
CA THR A 152 0.10 1.81 15.13
C THR A 152 1.53 1.58 15.58
N ALA A 153 2.28 0.71 14.92
CA ALA A 153 3.62 0.38 15.38
C ALA A 153 4.54 1.60 15.36
N GLY A 154 4.38 2.49 14.39
CA GLY A 154 5.21 3.69 14.37
C GLY A 154 6.66 3.44 14.00
N LEU A 155 6.92 2.39 13.24
CA LEU A 155 8.27 1.99 12.82
C LEU A 155 9.06 3.16 12.27
N ILE A 156 10.21 3.45 12.90
CA ILE A 156 11.09 4.53 12.47
CA ILE A 156 11.06 4.54 12.46
C ILE A 156 11.57 4.24 11.06
N TYR A 157 11.61 5.28 10.22
CA TYR A 157 11.89 5.10 8.79
C TYR A 157 13.39 5.11 8.46
N GLN A 158 14.10 4.14 9.04
N GLN A 158 14.11 4.15 9.06
CA GLN A 158 15.53 4.02 8.82
CA GLN A 158 15.54 4.03 8.87
C GLN A 158 15.94 2.61 9.22
C GLN A 158 15.93 2.60 9.21
N ASN A 159 16.95 2.08 8.51
CA ASN A 159 17.55 0.80 8.87
C ASN A 159 16.49 -0.31 8.97
N GLU A 160 16.62 -1.24 9.92
CA GLU A 160 15.74 -2.40 9.91
C GLU A 160 14.29 -2.03 10.18
N SER A 161 14.03 -1.15 11.15
N SER A 161 14.05 -1.16 11.16
CA SER A 161 12.65 -0.77 11.39
CA SER A 161 12.68 -0.71 11.42
C SER A 161 12.03 -0.14 10.16
C SER A 161 12.05 -0.16 10.15
N GLY A 162 12.83 0.63 9.40
CA GLY A 162 12.30 1.25 8.21
C GLY A 162 12.06 0.26 7.09
N ALA A 163 12.92 -0.77 6.99
CA ALA A 163 12.67 -1.84 6.03
C ALA A 163 11.42 -2.63 6.38
N ILE A 164 11.14 -2.81 7.68
CA ILE A 164 9.87 -3.43 8.07
C ILE A 164 8.71 -2.53 7.67
N ASN A 165 8.83 -1.23 7.95
CA ASN A 165 7.80 -0.27 7.55
C ASN A 165 7.48 -0.40 6.07
N GLU A 166 8.52 -0.43 5.23
CA GLU A 166 8.34 -0.60 3.79
C GLU A 166 7.69 -1.94 3.45
N ALA A 167 8.17 -3.03 4.04
CA ALA A 167 7.61 -4.33 3.74
C ALA A 167 6.12 -4.41 4.12
N ILE A 168 5.75 -3.83 5.27
CA ILE A 168 4.35 -3.81 5.68
C ILE A 168 3.51 -3.14 4.58
N SER A 169 3.99 -2.03 4.04
CA SER A 169 3.28 -1.35 2.95
C SER A 169 3.24 -2.19 1.68
N ASP A 170 4.31 -2.92 1.35
CA ASP A 170 4.25 -3.79 0.17
C ASP A 170 3.32 -4.97 0.39
N ILE A 171 3.35 -5.56 1.60
CA ILE A 171 2.50 -6.70 1.93
C ILE A 171 1.03 -6.30 1.82
N PHE A 172 0.64 -5.25 2.53
CA PHE A 172 -0.76 -4.85 2.48
C PHE A 172 -1.14 -4.24 1.14
N GLY A 173 -0.22 -3.57 0.45
CA GLY A 173 -0.51 -3.14 -0.90
C GLY A 173 -0.90 -4.31 -1.79
N THR A 174 -0.14 -5.40 -1.68
CA THR A 174 -0.41 -6.62 -2.43
C THR A 174 -1.69 -7.28 -1.98
N LEU A 175 -1.94 -7.36 -0.67
CA LEU A 175 -3.19 -7.97 -0.22
C LEU A 175 -4.41 -7.17 -0.66
N VAL A 176 -4.31 -5.84 -0.72
CA VAL A 176 -5.41 -5.04 -1.28
C VAL A 176 -5.58 -5.32 -2.76
N GLU A 177 -4.46 -5.44 -3.49
CA GLU A 177 -4.54 -5.78 -4.91
C GLU A 177 -5.27 -7.12 -5.11
N PHE A 178 -4.96 -8.12 -4.27
CA PHE A 178 -5.68 -9.39 -4.36
C PHE A 178 -7.16 -9.23 -3.96
N TYR A 179 -7.45 -8.39 -2.97
CA TYR A 179 -8.82 -8.15 -2.52
C TYR A 179 -9.66 -7.60 -3.67
N ALA A 180 -9.12 -6.64 -4.43
CA ALA A 180 -9.84 -6.10 -5.57
C ALA A 180 -9.93 -7.12 -6.70
N ASN A 181 -8.93 -7.98 -6.81
CA ASN A 181 -8.95 -9.16 -7.66
C ASN A 181 -9.01 -8.82 -9.15
N LYS A 182 -8.32 -7.73 -9.52
N LYS A 182 -8.26 -7.83 -9.62
CA LYS A 182 -7.99 -7.38 -10.89
CA LYS A 182 -8.28 -7.61 -11.07
C LYS A 182 -6.48 -7.34 -10.96
C LYS A 182 -7.24 -8.50 -11.79
N ASN A 183 -5.94 -8.15 -11.74
CA ASN A 183 -4.78 -8.82 -12.28
C ASN A 183 -3.79 -8.89 -11.11
N PRO A 184 -4.14 -9.58 -10.01
CA PRO A 184 -3.28 -9.51 -8.84
C PRO A 184 -2.01 -10.33 -9.01
N ASP A 185 -0.96 -9.90 -8.32
CA ASP A 185 0.33 -10.56 -8.35
C ASP A 185 1.11 -10.17 -7.10
N TRP A 186 2.32 -10.70 -6.99
CA TRP A 186 3.22 -10.42 -5.89
C TRP A 186 4.34 -9.46 -6.30
N GLU A 187 4.08 -8.64 -7.31
CA GLU A 187 4.96 -7.59 -7.80
C GLU A 187 4.43 -6.25 -7.32
N ILE A 188 5.30 -5.25 -7.27
CA ILE A 188 4.92 -3.92 -6.79
C ILE A 188 5.04 -2.90 -7.93
N GLY A 189 3.92 -2.26 -8.27
CA GLY A 189 3.95 -1.13 -9.17
C GLY A 189 3.89 -1.46 -10.64
N GLU A 190 3.68 -2.72 -10.99
CA GLU A 190 3.72 -3.15 -12.38
C GLU A 190 2.75 -2.37 -13.28
N ASP A 191 1.63 -1.89 -12.75
CA ASP A 191 0.64 -1.26 -13.61
C ASP A 191 1.03 0.14 -14.05
N VAL A 192 1.96 0.78 -13.34
CA VAL A 192 2.32 2.16 -13.63
C VAL A 192 3.79 2.33 -13.98
N TYR A 193 4.61 1.30 -13.86
CA TYR A 193 6.03 1.39 -14.10
C TYR A 193 6.34 1.06 -15.56
N THR A 194 7.21 1.88 -16.16
CA THR A 194 7.78 1.69 -17.51
C THR A 194 6.75 1.25 -18.53
N PRO A 195 5.89 2.15 -19.00
CA PRO A 195 4.90 1.76 -20.00
C PRO A 195 5.49 1.13 -21.25
N GLY A 196 6.73 1.46 -21.60
CA GLY A 196 7.32 0.85 -22.77
C GLY A 196 7.93 -0.53 -22.58
N ILE A 197 7.87 -1.09 -21.37
CA ILE A 197 8.50 -2.37 -21.06
C ILE A 197 7.47 -3.25 -20.37
N SER A 198 7.15 -4.39 -20.96
CA SER A 198 6.19 -5.30 -20.37
C SER A 198 6.88 -6.26 -19.41
N GLY A 199 6.16 -6.64 -18.37
CA GLY A 199 6.60 -7.71 -17.50
C GLY A 199 7.52 -7.33 -16.36
N ASP A 200 7.81 -6.04 -16.19
CA ASP A 200 8.68 -5.60 -15.12
C ASP A 200 7.85 -4.91 -14.01
N SER A 201 8.55 -4.54 -12.95
CA SER A 201 7.94 -3.85 -11.83
CA SER A 201 7.94 -3.94 -11.77
C SER A 201 9.03 -3.18 -11.03
N LEU A 202 8.62 -2.46 -9.99
CA LEU A 202 9.58 -1.78 -9.14
CA LEU A 202 9.58 -1.77 -9.12
C LEU A 202 10.30 -2.73 -8.20
N ARG A 203 9.56 -3.66 -7.62
CA ARG A 203 10.04 -4.67 -6.69
C ARG A 203 9.23 -5.93 -6.92
N SER A 204 9.81 -7.05 -6.52
CA SER A 204 9.13 -8.33 -6.53
C SER A 204 9.17 -8.91 -5.12
N MET A 205 8.01 -9.32 -4.60
CA MET A 205 8.00 -10.03 -3.32
C MET A 205 8.32 -11.51 -3.50
N SER A 206 7.92 -12.10 -4.62
CA SER A 206 8.17 -13.52 -4.87
C SER A 206 9.64 -13.78 -5.18
N ASP A 207 10.34 -12.82 -5.79
CA ASP A 207 11.76 -12.97 -6.10
C ASP A 207 12.41 -11.61 -6.04
N PRO A 208 12.68 -11.09 -4.84
CA PRO A 208 13.24 -9.74 -4.72
C PRO A 208 14.51 -9.53 -5.54
N ALA A 209 15.32 -10.57 -5.69
CA ALA A 209 16.59 -10.44 -6.39
C ALA A 209 16.41 -10.10 -7.86
N LYS A 210 15.22 -10.33 -8.42
CA LYS A 210 14.96 -9.98 -9.81
C LYS A 210 15.26 -8.51 -10.07
N TYR A 211 15.06 -7.66 -9.06
CA TYR A 211 15.29 -6.23 -9.16
C TYR A 211 16.41 -5.76 -8.23
N GLY A 212 17.31 -6.68 -7.87
CA GLY A 212 18.51 -6.33 -7.13
C GLY A 212 18.33 -6.22 -5.64
N ASP A 213 17.22 -6.65 -5.11
CA ASP A 213 16.98 -6.56 -3.68
C ASP A 213 17.30 -7.90 -3.00
N PRO A 214 17.80 -7.83 -1.77
CA PRO A 214 18.16 -9.06 -1.06
C PRO A 214 16.96 -9.92 -0.71
N ASP A 215 17.19 -11.23 -0.72
CA ASP A 215 16.21 -12.23 -0.35
C ASP A 215 16.70 -13.09 0.80
N HIS A 216 17.71 -12.61 1.50
CA HIS A 216 18.29 -13.31 2.63
C HIS A 216 19.04 -12.29 3.46
N TYR A 217 18.98 -12.45 4.78
CA TYR A 217 19.60 -11.51 5.70
C TYR A 217 21.10 -11.36 5.44
N SER A 218 21.77 -12.41 4.98
CA SER A 218 23.20 -12.34 4.69
C SER A 218 23.51 -11.39 3.55
N LYS A 219 22.51 -10.99 2.76
CA LYS A 219 22.69 -10.09 1.62
C LYS A 219 22.17 -8.68 1.94
N ARG A 220 21.86 -8.39 3.21
CA ARG A 220 21.31 -7.09 3.56
C ARG A 220 22.30 -5.97 3.25
N TYR A 221 21.73 -4.80 2.92
CA TYR A 221 22.48 -3.58 2.69
C TYR A 221 22.69 -2.88 4.01
N THR A 222 23.93 -2.41 4.22
CA THR A 222 24.34 -1.83 5.49
C THR A 222 24.84 -0.39 5.32
N GLY A 223 24.71 0.17 4.12
CA GLY A 223 25.16 1.52 3.84
C GLY A 223 24.12 2.56 4.21
N THR A 224 24.34 3.78 3.73
CA THR A 224 23.53 4.91 4.14
C THR A 224 22.50 5.35 3.11
N GLN A 225 22.62 4.91 1.86
CA GLN A 225 21.65 5.29 0.84
C GLN A 225 20.25 4.84 1.26
N ASP A 226 19.24 5.57 0.79
CA ASP A 226 17.85 5.11 0.94
C ASP A 226 17.49 4.89 2.41
N ASN A 227 17.91 5.82 3.27
CA ASN A 227 17.63 5.73 4.70
C ASN A 227 18.12 4.41 5.28
N GLY A 228 19.29 3.97 4.83
CA GLY A 228 19.80 2.68 5.27
C GLY A 228 19.16 1.50 4.56
N GLY A 229 18.72 1.70 3.31
CA GLY A 229 18.20 0.61 2.51
C GLY A 229 16.76 0.21 2.78
N VAL A 230 15.88 1.15 3.15
CA VAL A 230 14.53 0.74 3.54
C VAL A 230 13.76 0.08 2.40
N HIS A 231 13.96 0.52 1.15
CA HIS A 231 13.30 -0.10 0.00
C HIS A 231 14.10 -1.26 -0.59
N ILE A 232 15.26 -1.56 -0.02
CA ILE A 232 16.16 -2.61 -0.47
C ILE A 232 16.00 -3.80 0.46
N ASN A 233 16.26 -3.58 1.75
CA ASN A 233 16.16 -4.64 2.74
C ASN A 233 14.72 -5.08 3.00
N SER A 234 13.73 -4.30 2.56
CA SER A 234 12.36 -4.77 2.59
C SER A 234 12.21 -6.10 1.85
N GLY A 235 13.09 -6.39 0.88
CA GLY A 235 12.99 -7.63 0.15
C GLY A 235 13.11 -8.86 1.02
N ILE A 236 13.89 -8.76 2.10
CA ILE A 236 14.06 -9.90 3.00
C ILE A 236 12.75 -10.25 3.67
N ILE A 237 12.02 -9.23 4.13
CA ILE A 237 10.73 -9.42 4.78
C ILE A 237 9.64 -9.74 3.76
N ASN A 238 9.65 -9.08 2.60
CA ASN A 238 8.70 -9.41 1.56
C ASN A 238 8.80 -10.87 1.16
N LYS A 239 10.02 -11.38 1.02
CA LYS A 239 10.20 -12.78 0.67
C LYS A 239 9.65 -13.69 1.77
N ALA A 240 9.89 -13.35 3.04
CA ALA A 240 9.33 -14.16 4.13
C ALA A 240 7.81 -14.17 4.07
N ALA A 241 7.19 -13.02 3.84
CA ALA A 241 5.73 -12.95 3.75
C ALA A 241 5.22 -13.77 2.58
N TYR A 242 5.85 -13.65 1.42
CA TYR A 242 5.49 -14.45 0.27
C TYR A 242 5.56 -15.94 0.60
N LEU A 243 6.63 -16.36 1.27
CA LEU A 243 6.75 -17.78 1.61
C LEU A 243 5.67 -18.22 2.59
N ILE A 244 5.36 -17.40 3.60
CA ILE A 244 4.30 -17.76 4.54
C ILE A 244 3.01 -18.02 3.79
N SER A 245 2.67 -17.14 2.84
CA SER A 245 1.41 -17.28 2.12
C SER A 245 1.45 -18.43 1.11
N GLN A 246 2.47 -18.45 0.26
CA GLN A 246 2.48 -19.27 -0.94
C GLN A 246 3.31 -20.53 -0.80
N GLY A 247 4.17 -20.60 0.21
CA GLY A 247 5.08 -21.71 0.37
C GLY A 247 6.23 -21.69 -0.62
N GLY A 248 7.16 -22.59 -0.42
CA GLY A 248 8.30 -22.73 -1.31
C GLY A 248 9.50 -23.23 -0.57
N THR A 249 10.54 -23.57 -1.32
CA THR A 249 11.83 -23.92 -0.74
C THR A 249 12.85 -22.89 -1.19
N HIS A 250 13.50 -22.25 -0.24
CA HIS A 250 14.32 -21.08 -0.48
C HIS A 250 15.62 -21.28 0.28
N TYR A 251 16.75 -21.27 -0.45
CA TYR A 251 18.05 -21.63 0.10
C TYR A 251 17.98 -22.95 0.87
N GLY A 252 17.22 -23.90 0.31
CA GLY A 252 17.12 -25.24 0.87
C GLY A 252 16.13 -25.40 2.00
N VAL A 253 15.49 -24.33 2.47
CA VAL A 253 14.56 -24.38 3.59
C VAL A 253 13.14 -24.39 3.05
N SER A 254 12.35 -25.41 3.39
CA SER A 254 11.01 -25.58 2.87
C SER A 254 9.98 -24.94 3.80
N VAL A 255 9.05 -24.22 3.21
CA VAL A 255 7.97 -23.55 3.92
C VAL A 255 6.65 -24.05 3.37
N VAL A 256 5.76 -24.47 4.27
CA VAL A 256 4.40 -24.84 3.91
C VAL A 256 3.55 -23.57 3.90
N GLY A 257 2.98 -23.25 2.73
CA GLY A 257 2.17 -22.04 2.65
C GLY A 257 0.85 -22.19 3.38
N ILE A 258 0.37 -21.07 3.92
CA ILE A 258 -0.89 -21.01 4.66
C ILE A 258 -1.91 -20.08 4.03
N GLY A 259 -1.55 -19.39 2.96
CA GLY A 259 -2.49 -18.57 2.20
C GLY A 259 -2.47 -17.11 2.61
N ARG A 260 -3.05 -16.28 1.72
CA ARG A 260 -2.99 -14.82 1.87
CA ARG A 260 -2.99 -14.82 1.87
C ARG A 260 -3.78 -14.33 3.07
N ASP A 261 -4.96 -14.91 3.31
CA ASP A 261 -5.80 -14.40 4.39
C ASP A 261 -5.09 -14.54 5.73
N LYS A 262 -4.49 -15.70 5.98
CA LYS A 262 -3.79 -15.91 7.24
C LYS A 262 -2.52 -15.07 7.32
N LEU A 263 -1.81 -14.91 6.20
CA LEU A 263 -0.68 -13.97 6.19
C LEU A 263 -1.16 -12.59 6.68
N GLY A 264 -2.26 -12.10 6.09
CA GLY A 264 -2.76 -10.80 6.47
C GLY A 264 -3.16 -10.70 7.93
N LYS A 265 -3.80 -11.75 8.46
CA LYS A 265 -4.20 -11.72 9.86
C LYS A 265 -2.98 -11.69 10.76
N ILE A 266 -1.97 -12.49 10.44
CA ILE A 266 -0.77 -12.55 11.27
C ILE A 266 -0.03 -11.22 11.26
N PHE A 267 0.18 -10.64 10.07
CA PHE A 267 0.93 -9.40 10.00
C PHE A 267 0.13 -8.22 10.53
N TYR A 268 -1.20 -8.21 10.36
CA TYR A 268 -2.00 -7.12 10.92
C TYR A 268 -1.91 -7.14 12.43
N ARG A 269 -2.01 -8.33 13.03
CA ARG A 269 -1.89 -8.44 14.48
C ARG A 269 -0.49 -8.04 14.94
N ALA A 270 0.54 -8.47 14.23
CA ALA A 270 1.90 -8.08 14.62
C ALA A 270 2.03 -6.57 14.59
N LEU A 271 1.52 -5.94 13.52
CA LEU A 271 1.65 -4.49 13.34
C LEU A 271 0.95 -3.73 14.45
N THR A 272 -0.22 -4.19 14.85
CA THR A 272 -1.07 -3.42 15.75
C THR A 272 -0.93 -3.81 17.20
N GLN A 273 -0.34 -4.95 17.52
CA GLN A 273 -0.23 -5.43 18.90
CA GLN A 273 -0.23 -5.39 18.91
C GLN A 273 1.18 -5.61 19.40
N TYR A 274 2.16 -5.82 18.52
CA TYR A 274 3.48 -6.24 19.00
C TYR A 274 4.64 -5.37 18.53
N LEU A 275 4.61 -4.87 17.30
CA LEU A 275 5.72 -4.08 16.81
C LEU A 275 5.73 -2.70 17.47
N THR A 276 6.93 -2.13 17.55
CA THR A 276 7.12 -0.82 18.16
C THR A 276 7.99 0.01 17.22
N PRO A 277 8.24 1.28 17.55
CA PRO A 277 8.98 2.12 16.60
C PRO A 277 10.38 1.61 16.28
N THR A 278 11.00 0.88 17.22
CA THR A 278 12.38 0.46 17.07
C THR A 278 12.52 -1.02 16.73
N SER A 279 11.44 -1.72 16.38
CA SER A 279 11.55 -3.15 16.12
C SER A 279 12.54 -3.41 14.99
N ASN A 280 13.39 -4.43 15.19
CA ASN A 280 14.28 -4.94 14.14
C ASN A 280 13.72 -6.25 13.57
N PHE A 281 14.45 -6.84 12.61
CA PHE A 281 13.94 -8.03 11.94
C PHE A 281 13.72 -9.19 12.91
N SER A 282 14.65 -9.39 13.85
CA SER A 282 14.49 -10.46 14.83
CA SER A 282 14.49 -10.46 14.83
C SER A 282 13.25 -10.23 15.68
N GLN A 283 12.97 -8.99 16.04
CA GLN A 283 11.77 -8.67 16.79
C GLN A 283 10.51 -8.84 15.96
N LEU A 284 10.58 -8.56 14.64
CA LEU A 284 9.46 -8.88 13.78
C LEU A 284 9.17 -10.38 13.77
N ARG A 285 10.21 -11.20 13.65
CA ARG A 285 9.98 -12.64 13.71
C ARG A 285 9.24 -13.01 14.99
N ALA A 286 9.69 -12.50 16.13
CA ALA A 286 9.04 -12.80 17.39
C ALA A 286 7.60 -12.32 17.41
N ALA A 287 7.35 -11.12 16.88
CA ALA A 287 5.99 -10.59 16.82
C ALA A 287 5.09 -11.45 15.95
N ALA A 288 5.60 -11.91 14.80
CA ALA A 288 4.80 -12.75 13.91
C ALA A 288 4.52 -14.11 14.54
N VAL A 289 5.52 -14.68 15.20
CA VAL A 289 5.32 -15.96 15.89
C VAL A 289 4.26 -15.82 16.98
N GLN A 290 4.35 -14.74 17.77
CA GLN A 290 3.37 -14.56 18.83
C GLN A 290 1.98 -14.30 18.27
N SER A 291 1.90 -13.52 17.19
N SER A 291 1.91 -13.52 17.19
CA SER A 291 0.61 -13.25 16.56
CA SER A 291 0.63 -13.24 16.55
C SER A 291 -0.03 -14.53 16.03
C SER A 291 -0.01 -14.53 16.06
N ALA A 292 0.75 -15.35 15.34
CA ALA A 292 0.22 -16.63 14.85
C ALA A 292 -0.15 -17.56 16.00
N THR A 293 0.59 -17.51 17.11
CA THR A 293 0.24 -18.30 18.29
C THR A 293 -1.11 -17.84 18.85
N ASP A 294 -1.31 -16.53 18.98
CA ASP A 294 -2.58 -16.01 19.47
C ASP A 294 -3.74 -16.48 18.60
N LEU A 295 -3.56 -16.42 17.27
CA LEU A 295 -4.66 -16.66 16.35
C LEU A 295 -4.93 -18.14 16.13
N TYR A 296 -3.89 -18.98 16.13
CA TYR A 296 -3.99 -20.35 15.66
C TYR A 296 -3.47 -21.39 16.63
N GLY A 297 -2.78 -20.99 17.68
CA GLY A 297 -2.28 -21.92 18.67
C GLY A 297 -0.81 -22.24 18.47
N SER A 298 -0.13 -22.54 19.56
CA SER A 298 1.31 -22.75 19.52
C SER A 298 1.71 -23.97 18.69
N THR A 299 0.86 -25.00 18.62
CA THR A 299 1.16 -26.22 17.88
C THR A 299 0.72 -26.17 16.43
N SER A 300 0.26 -25.02 15.96
CA SER A 300 -0.39 -24.95 14.66
C SER A 300 0.61 -24.96 13.53
N GLN A 301 0.12 -25.39 12.36
CA GLN A 301 0.89 -25.24 11.13
C GLN A 301 1.26 -23.79 10.88
N GLU A 302 0.35 -22.87 11.20
CA GLU A 302 0.59 -21.45 10.92
C GLU A 302 1.84 -20.98 11.65
N VAL A 303 1.97 -21.30 12.94
CA VAL A 303 3.17 -20.94 13.68
C VAL A 303 4.40 -21.60 13.07
N ALA A 304 4.31 -22.89 12.74
CA ALA A 304 5.46 -23.58 12.17
C ALA A 304 5.91 -22.93 10.87
N SER A 305 4.95 -22.50 10.04
CA SER A 305 5.28 -21.88 8.76
C SER A 305 5.92 -20.50 8.93
N VAL A 306 5.46 -19.72 9.91
CA VAL A 306 6.11 -18.45 10.20
C VAL A 306 7.57 -18.69 10.53
N LYS A 307 7.85 -19.67 11.39
CA LYS A 307 9.23 -19.94 11.76
C LYS A 307 10.05 -20.40 10.55
N GLN A 308 9.49 -21.28 9.72
N GLN A 308 9.49 -21.29 9.73
CA GLN A 308 10.24 -21.76 8.56
CA GLN A 308 10.21 -21.76 8.55
C GLN A 308 10.54 -20.62 7.60
C GLN A 308 10.55 -20.62 7.62
N ALA A 309 9.60 -19.70 7.41
CA ALA A 309 9.81 -18.61 6.47
C ALA A 309 10.90 -17.67 6.95
N PHE A 310 10.90 -17.33 8.23
CA PHE A 310 11.98 -16.48 8.73
C PHE A 310 13.32 -17.21 8.71
N ASP A 311 13.32 -18.53 9.00
CA ASP A 311 14.55 -19.32 8.83
C ASP A 311 15.04 -19.23 7.39
N ALA A 312 14.13 -19.36 6.43
CA ALA A 312 14.51 -19.40 5.03
C ALA A 312 15.21 -18.11 4.59
N VAL A 313 14.83 -16.96 5.16
CA VAL A 313 15.46 -15.69 4.83
C VAL A 313 16.55 -15.31 5.83
N GLY A 314 16.92 -16.21 6.72
CA GLY A 314 18.07 -15.99 7.59
C GLY A 314 17.83 -15.08 8.76
N VAL A 315 16.57 -14.91 9.21
CA VAL A 315 16.23 -14.05 10.33
C VAL A 315 15.88 -14.93 11.51
N LYS A 316 16.68 -14.85 12.57
CA LYS A 316 16.50 -15.62 13.79
C LYS A 316 15.85 -14.79 14.89
N VAL B . 6.49 5.56 -2.92
CA VAL B . 6.63 4.14 -3.34
C VAL B . 8.06 3.64 -3.41
O VAL B . 8.31 2.46 -3.19
CB VAL B . 5.87 3.87 -4.67
CG1 VAL B . 6.47 4.53 -5.87
CG2 VAL B . 5.84 2.44 -4.88
H1 VAL B . 7.21 5.81 -2.46
H2 VAL B . 6.40 6.08 -3.65
H3 VAL B . 5.76 5.65 -2.42
HA VAL B . 6.19 3.61 -2.66
HB VAL B . 4.95 4.18 -4.58
HG11 VAL B . 7.38 4.20 -5.98
HG12 VAL B . 5.94 4.31 -6.64
HG13 VAL B . 6.47 5.49 -5.72
HG21 VAL B . 5.38 2.02 -4.14
HG22 VAL B . 5.38 2.25 -5.72
HG23 VAL B . 6.75 2.10 -4.94
N LYS C . 8.99 4.50 -3.79
CA LYS C . 10.38 4.07 -3.82
C LYS C . 11.32 5.17 -3.36
O LYS C . 10.90 6.30 -3.09
CB LYS C . 10.78 3.56 -5.20
CG LYS C . 11.07 4.61 -6.21
CD LYS C . 9.83 5.04 -6.86
CE LYS C . 10.16 6.02 -7.92
NZ LYS C . 11.59 6.42 -8.10
OXT LYS C . 12.52 4.88 -3.25
H LYS C . 8.85 5.32 -4.01
HA LYS C . 10.48 3.33 -3.20
HB2 LYS C . 11.58 3.03 -5.10
HB3 LYS C . 10.07 3.02 -5.54
HG2 LYS C . 11.47 5.39 -5.77
HG3 LYS C . 11.66 4.26 -6.89
HD2 LYS C . 9.39 4.28 -7.26
HD3 LYS C . 9.25 5.48 -6.22
HE2 LYS C . 9.88 5.64 -8.77
HE3 LYS C . 9.66 6.83 -7.76
HZ1 LYS C . 12.09 5.71 -8.29
HZ2 LYS C . 11.66 7.01 -8.77
HZ3 LYS C . 11.89 6.80 -7.36
CA CA D . 6.54 -1.74 -17.39
CA CA E . -1.14 -6.59 -10.82
CA CA F . -16.97 16.35 -18.56
ZN ZN G . 7.68 4.80 -0.01
ZN ZN H . 6.76 3.13 1.15
O1 OXY I . -7.42 2.51 5.95
O2 OXY I . -7.81 3.64 5.73
CA CA J . 1.12 -5.69 -7.92
CA CA K . -16.45 16.46 -16.25
#